data_1V5Y
#
_entry.id   1V5Y
#
_cell.length_a   101.6
_cell.length_b   63.3
_cell.length_c   74.4
_cell.angle_alpha   90.00
_cell.angle_beta   100
_cell.angle_gamma   90.00
#
_symmetry.space_group_name_H-M   'C 1 2 1'
#
loop_
_entity.id
_entity.type
_entity.pdbx_description
1 polymer 'Major NAD(P)H-flavin oxidoreductase'
2 non-polymer 'FLAVIN MONONUCLEOTIDE'
3 non-polymer 4-HYDROXY-2H-CHROMEN-2-ONE
4 water water
#
_entity_poly.entity_id   1
_entity_poly.type   'polypeptide(L)'
_entity_poly.pdbx_seq_one_letter_code
;THPIIHDLENRYTSKKYDPSKKVSQEDLAVLLEALRLSASSINSQPWKFIVIESDAAKQRMHDSFANMHQFNQPHIKACS
HVILFANKLSYTRDDYDVVLSKAVADKRITEEQKEAAFASFKFVELNCDENGEHKAWTKPQAYLALGNALHTLARLNIDS
TTMEGIDPELLSEIFADELKGYECHVALAIGYHHPSEDYNASLPKSRKAFEDVITIL
;
_entity_poly.pdbx_strand_id   A,B
#
# COMPACT_ATOMS: atom_id res chain seq x y z
N THR A 1 -21.83 -13.54 3.35
CA THR A 1 -20.44 -13.21 3.73
C THR A 1 -20.35 -11.74 4.04
N HIS A 2 -19.48 -11.37 4.99
CA HIS A 2 -19.28 -9.97 5.35
C HIS A 2 -18.85 -9.25 4.04
N PRO A 3 -19.48 -8.09 3.70
CA PRO A 3 -19.13 -7.35 2.47
C PRO A 3 -17.62 -7.14 2.24
N ILE A 4 -16.88 -6.76 3.28
CA ILE A 4 -15.44 -6.52 3.13
C ILE A 4 -14.70 -7.80 2.76
N ILE A 5 -15.01 -8.89 3.46
CA ILE A 5 -14.36 -10.15 3.18
C ILE A 5 -14.75 -10.70 1.80
N HIS A 6 -16.02 -10.52 1.41
CA HIS A 6 -16.44 -10.97 0.12
C HIS A 6 -15.63 -10.29 -0.97
N ASP A 7 -15.44 -8.98 -0.86
CA ASP A 7 -14.68 -8.23 -1.86
C ASP A 7 -13.23 -8.69 -1.98
N LEU A 8 -12.59 -8.90 -0.84
CA LEU A 8 -11.20 -9.32 -0.81
C LEU A 8 -10.97 -10.78 -1.16
N GLU A 9 -11.98 -11.62 -0.96
CA GLU A 9 -11.86 -13.02 -1.34
C GLU A 9 -12.15 -13.17 -2.81
N ASN A 10 -12.95 -12.27 -3.38
CA ASN A 10 -13.30 -12.37 -4.79
C ASN A 10 -12.42 -11.65 -5.80
N ARG A 11 -11.68 -10.65 -5.38
CA ARG A 11 -10.75 -9.96 -6.29
C ARG A 11 -9.58 -10.95 -6.45
N TYR A 12 -8.91 -10.90 -7.60
CA TYR A 12 -7.77 -11.79 -7.87
C TYR A 12 -6.98 -11.16 -9.01
N THR A 13 -5.87 -11.77 -9.36
CA THR A 13 -5.04 -11.27 -10.46
C THR A 13 -5.47 -11.91 -11.79
N SER A 14 -6.04 -11.08 -12.64
CA SER A 14 -6.49 -11.58 -13.95
C SER A 14 -5.29 -11.93 -14.83
N LYS A 15 -5.37 -13.06 -15.54
CA LYS A 15 -4.30 -13.51 -16.42
C LYS A 15 -4.66 -13.40 -17.92
N LYS A 16 -5.81 -12.80 -18.24
CA LYS A 16 -6.25 -12.66 -19.65
C LYS A 16 -7.45 -11.71 -19.72
N TYR A 17 -7.37 -10.68 -20.57
CA TYR A 17 -8.44 -9.71 -20.71
C TYR A 17 -9.33 -9.90 -21.92
N ASP A 18 -10.53 -9.32 -21.81
CA ASP A 18 -11.52 -9.31 -22.88
C ASP A 18 -11.31 -7.93 -23.52
N PRO A 19 -10.79 -7.89 -24.74
CA PRO A 19 -10.54 -6.63 -25.45
C PRO A 19 -11.76 -5.85 -25.91
N SER A 20 -12.93 -6.41 -25.72
CA SER A 20 -14.16 -5.76 -26.16
C SER A 20 -14.87 -4.99 -25.07
N LYS A 21 -14.27 -4.93 -23.90
CA LYS A 21 -14.89 -4.23 -22.79
C LYS A 21 -13.94 -3.20 -22.24
N LYS A 22 -14.47 -2.01 -22.03
CA LYS A 22 -13.67 -0.93 -21.47
C LYS A 22 -14.30 -0.48 -20.16
N VAL A 23 -13.49 0.13 -19.33
CA VAL A 23 -13.91 0.68 -18.06
C VAL A 23 -14.62 2.00 -18.40
N SER A 24 -15.78 2.22 -17.81
CA SER A 24 -16.54 3.44 -18.05
C SER A 24 -15.82 4.65 -17.51
N GLN A 25 -16.13 5.82 -18.05
CA GLN A 25 -15.50 7.04 -17.58
C GLN A 25 -15.97 7.36 -16.17
N GLU A 26 -17.21 6.97 -15.84
CA GLU A 26 -17.73 7.21 -14.49
C GLU A 26 -16.90 6.39 -13.49
N ASP A 27 -16.66 5.11 -13.78
CA ASP A 27 -15.87 4.26 -12.89
C ASP A 27 -14.41 4.69 -12.83
N LEU A 28 -13.86 5.13 -13.96
CA LEU A 28 -12.48 5.57 -14.01
C LEU A 28 -12.29 6.81 -13.16
N ALA A 29 -13.27 7.70 -13.16
CA ALA A 29 -13.18 8.93 -12.38
C ALA A 29 -13.16 8.63 -10.88
N VAL A 30 -13.93 7.63 -10.46
CA VAL A 30 -13.99 7.22 -9.04
C VAL A 30 -12.61 6.67 -8.60
N LEU A 31 -12.05 5.78 -9.42
CA LEU A 31 -10.75 5.18 -9.17
C LEU A 31 -9.63 6.23 -9.08
N LEU A 32 -9.64 7.20 -9.99
CA LEU A 32 -8.63 8.26 -9.98
C LEU A 32 -8.77 9.17 -8.77
N GLU A 33 -9.99 9.48 -8.40
CA GLU A 33 -10.20 10.29 -7.23
C GLU A 33 -9.79 9.51 -5.97
N ALA A 34 -10.04 8.20 -5.96
CA ALA A 34 -9.66 7.33 -4.84
C ALA A 34 -8.13 7.32 -4.66
N LEU A 35 -7.41 7.30 -5.78
CA LEU A 35 -5.94 7.33 -5.76
C LEU A 35 -5.46 8.65 -5.19
N ARG A 36 -6.11 9.74 -5.60
CA ARG A 36 -5.76 11.08 -5.14
C ARG A 36 -5.93 11.25 -3.64
N LEU A 37 -6.96 10.62 -3.09
CA LEU A 37 -7.27 10.69 -1.65
C LEU A 37 -6.46 9.78 -0.74
N SER A 38 -5.55 8.99 -1.32
CA SER A 38 -4.69 8.10 -0.55
C SER A 38 -3.86 8.87 0.47
N ALA A 39 -3.68 8.26 1.64
CA ALA A 39 -2.91 8.84 2.72
C ALA A 39 -1.42 8.61 2.43
N SER A 40 -0.58 9.49 2.98
CA SER A 40 0.86 9.35 2.81
C SER A 40 1.53 10.04 3.97
N SER A 41 2.75 9.63 4.27
CA SER A 41 3.51 10.21 5.37
C SER A 41 3.63 11.70 5.14
N ILE A 42 3.27 12.48 6.15
CA ILE A 42 3.25 13.95 6.16
C ILE A 42 2.44 14.61 5.01
N ASN A 43 1.53 13.84 4.42
CA ASN A 43 0.71 14.29 3.31
C ASN A 43 1.62 14.70 2.14
N SER A 44 2.78 14.06 2.06
CA SER A 44 3.75 14.32 1.02
C SER A 44 3.28 14.05 -0.41
N GLN A 45 2.44 13.02 -0.58
CA GLN A 45 1.93 12.63 -1.90
C GLN A 45 3.06 12.63 -2.93
N PRO A 46 4.15 11.90 -2.67
CA PRO A 46 5.32 11.84 -3.57
C PRO A 46 5.11 10.90 -4.73
N TRP A 47 4.01 11.12 -5.45
CA TRP A 47 3.67 10.23 -6.52
C TRP A 47 3.04 10.94 -7.71
N LYS A 48 2.88 10.17 -8.77
CA LYS A 48 2.24 10.64 -9.98
C LYS A 48 1.60 9.36 -10.54
N PHE A 49 0.34 9.44 -10.95
CA PHE A 49 -0.36 8.31 -11.52
C PHE A 49 -0.57 8.62 -13.01
N ILE A 50 0.12 7.86 -13.85
CA ILE A 50 0.02 8.05 -15.29
C ILE A 50 -0.93 7.05 -15.91
N VAL A 51 -2.02 7.56 -16.50
CA VAL A 51 -3.02 6.71 -17.12
C VAL A 51 -2.80 6.54 -18.61
N ILE A 52 -2.62 5.30 -19.03
CA ILE A 52 -2.40 4.93 -20.41
C ILE A 52 -3.78 4.59 -20.94
N GLU A 53 -4.37 5.53 -21.67
CA GLU A 53 -5.71 5.35 -22.22
C GLU A 53 -5.81 5.26 -23.74
N SER A 54 -5.17 6.20 -24.44
CA SER A 54 -5.21 6.25 -25.90
C SER A 54 -4.47 5.10 -26.57
N ASP A 55 -4.82 4.84 -27.84
CA ASP A 55 -4.15 3.80 -28.61
C ASP A 55 -2.65 4.10 -28.76
N ALA A 56 -2.31 5.37 -28.89
CA ALA A 56 -0.93 5.80 -29.03
C ALA A 56 -0.17 5.51 -27.74
N ALA A 57 -0.79 5.84 -26.60
CA ALA A 57 -0.18 5.58 -25.30
C ALA A 57 -0.03 4.07 -25.07
N LYS A 58 -1.03 3.30 -25.46
CA LYS A 58 -0.98 1.85 -25.32
C LYS A 58 0.17 1.26 -26.12
N GLN A 59 0.44 1.82 -27.30
CA GLN A 59 1.54 1.33 -28.13
C GLN A 59 2.88 1.58 -27.43
N ARG A 60 3.01 2.75 -26.83
CA ARG A 60 4.23 3.13 -26.11
C ARG A 60 4.44 2.18 -24.94
N MET A 61 3.38 1.90 -24.19
CA MET A 61 3.45 0.98 -23.06
C MET A 61 3.80 -0.44 -23.55
N HIS A 62 3.17 -0.84 -24.65
CA HIS A 62 3.42 -2.13 -25.26
C HIS A 62 4.90 -2.30 -25.61
N ASP A 63 5.50 -1.23 -26.14
CA ASP A 63 6.91 -1.25 -26.52
C ASP A 63 7.89 -1.31 -25.35
N SER A 64 7.44 -1.00 -24.14
CA SER A 64 8.32 -1.06 -22.97
C SER A 64 8.68 -2.49 -22.55
N PHE A 65 8.07 -3.49 -23.20
CA PHE A 65 8.34 -4.91 -22.90
C PHE A 65 9.22 -5.55 -23.94
N ALA A 66 9.89 -4.73 -24.74
CA ALA A 66 10.76 -5.27 -25.79
C ALA A 66 11.89 -6.15 -25.27
N ASN A 67 12.40 -5.81 -24.09
CA ASN A 67 13.51 -6.54 -23.51
C ASN A 67 13.18 -7.57 -22.45
N MET A 68 12.18 -7.29 -21.61
CA MET A 68 11.86 -8.21 -20.53
C MET A 68 10.40 -8.30 -20.12
N HIS A 69 10.09 -9.37 -19.38
CA HIS A 69 8.77 -9.63 -18.83
C HIS A 69 7.69 -9.69 -19.88
N GLN A 70 8.03 -10.36 -20.97
CA GLN A 70 7.13 -10.51 -22.10
C GLN A 70 5.80 -11.16 -21.71
N PHE A 71 5.79 -11.95 -20.64
CA PHE A 71 4.55 -12.61 -20.21
C PHE A 71 3.48 -11.60 -19.82
N ASN A 72 3.90 -10.39 -19.45
CA ASN A 72 2.96 -9.34 -19.11
C ASN A 72 2.49 -8.50 -20.31
N GLN A 73 3.25 -8.51 -21.40
CA GLN A 73 2.93 -7.69 -22.57
C GLN A 73 1.57 -7.77 -23.25
N PRO A 74 0.99 -8.98 -23.41
CA PRO A 74 -0.32 -9.11 -24.06
C PRO A 74 -1.47 -8.36 -23.39
N HIS A 75 -1.34 -8.08 -22.09
CA HIS A 75 -2.39 -7.38 -21.37
C HIS A 75 -2.53 -5.93 -21.77
N ILE A 76 -1.43 -5.31 -22.19
CA ILE A 76 -1.42 -3.88 -22.51
C ILE A 76 -2.47 -3.45 -23.52
N LYS A 77 -2.50 -4.10 -24.66
CA LYS A 77 -3.46 -3.75 -25.67
C LYS A 77 -4.84 -4.36 -25.42
N ALA A 78 -4.89 -5.50 -24.72
CA ALA A 78 -6.15 -6.18 -24.43
C ALA A 78 -7.01 -5.54 -23.33
N CYS A 79 -6.38 -5.01 -22.29
CA CYS A 79 -7.10 -4.41 -21.17
C CYS A 79 -7.68 -3.06 -21.54
N SER A 80 -8.37 -2.43 -20.59
CA SER A 80 -8.99 -1.13 -20.82
C SER A 80 -7.98 0.03 -20.63
N HIS A 81 -7.34 0.11 -19.46
CA HIS A 81 -6.37 1.16 -19.15
C HIS A 81 -5.22 0.56 -18.35
N VAL A 82 -4.06 1.22 -18.38
CA VAL A 82 -2.91 0.79 -17.59
C VAL A 82 -2.56 2.03 -16.77
N ILE A 83 -2.27 1.86 -15.49
CA ILE A 83 -1.92 2.97 -14.63
C ILE A 83 -0.51 2.72 -14.11
N LEU A 84 0.34 3.72 -14.29
CA LEU A 84 1.72 3.63 -13.82
C LEU A 84 1.77 4.32 -12.46
N PHE A 85 2.32 3.63 -11.47
CA PHE A 85 2.45 4.20 -10.13
C PHE A 85 3.88 4.69 -10.03
N ALA A 86 4.08 5.99 -10.16
CA ALA A 86 5.41 6.58 -10.12
C ALA A 86 5.71 7.21 -8.78
N ASN A 87 6.93 7.02 -8.27
CA ASN A 87 7.34 7.61 -7.00
C ASN A 87 8.49 8.59 -7.25
N LYS A 88 8.47 9.70 -6.52
CA LYS A 88 9.49 10.73 -6.70
C LYS A 88 10.88 10.33 -6.23
N LEU A 89 11.88 10.66 -7.05
CA LEU A 89 13.26 10.34 -6.74
C LEU A 89 13.79 11.09 -5.53
N SER A 90 13.54 12.39 -5.48
CA SER A 90 13.96 13.19 -4.34
C SER A 90 12.83 14.14 -3.97
N TYR A 91 12.56 14.27 -2.67
CA TYR A 91 11.51 15.13 -2.18
C TYR A 91 12.12 16.34 -1.48
N THR A 92 11.86 17.51 -2.05
CA THR A 92 12.40 18.77 -1.57
C THR A 92 11.38 19.67 -0.87
N ARG A 93 11.88 20.81 -0.39
CA ARG A 93 11.05 21.79 0.29
C ARG A 93 10.13 22.44 -0.70
N ASP A 94 10.56 22.51 -1.96
CA ASP A 94 9.71 23.11 -2.98
C ASP A 94 8.56 22.17 -3.24
N ASP A 95 8.83 20.88 -3.10
CA ASP A 95 7.83 19.85 -3.29
C ASP A 95 6.81 19.96 -2.16
N TYR A 96 7.31 20.13 -0.93
CA TYR A 96 6.43 20.27 0.22
C TYR A 96 5.66 21.60 0.23
N ASP A 97 6.25 22.60 -0.41
CA ASP A 97 5.61 23.91 -0.50
C ASP A 97 4.29 23.76 -1.24
N VAL A 98 4.29 22.92 -2.27
CA VAL A 98 3.10 22.68 -3.08
C VAL A 98 1.97 22.03 -2.26
N VAL A 99 2.35 21.18 -1.30
CA VAL A 99 1.39 20.48 -0.43
C VAL A 99 0.82 21.48 0.55
N LEU A 100 1.71 22.22 1.22
CA LEU A 100 1.32 23.22 2.20
C LEU A 100 0.52 24.38 1.63
N SER A 101 0.82 24.75 0.39
CA SER A 101 0.12 25.84 -0.30
C SER A 101 -1.30 25.42 -0.64
N LYS A 102 -1.47 24.14 -0.98
CA LYS A 102 -2.77 23.60 -1.30
C LYS A 102 -3.55 23.43 0.01
N ALA A 103 -2.84 23.19 1.12
CA ALA A 103 -3.47 23.03 2.42
C ALA A 103 -4.07 24.37 2.81
N VAL A 104 -3.31 25.43 2.53
CA VAL A 104 -3.80 26.76 2.82
C VAL A 104 -5.02 27.04 1.94
N ALA A 105 -4.91 26.75 0.64
CA ALA A 105 -6.03 26.96 -0.30
C ALA A 105 -7.24 26.11 0.03
N ASP A 106 -7.01 24.98 0.70
CA ASP A 106 -8.08 24.06 1.08
C ASP A 106 -8.68 24.45 2.43
N LYS A 107 -8.18 25.56 2.97
CA LYS A 107 -8.62 26.11 4.24
C LYS A 107 -8.26 25.14 5.38
N ARG A 108 -7.38 24.19 5.08
CA ARG A 108 -6.93 23.24 6.08
C ARG A 108 -6.01 23.98 7.06
N ILE A 109 -5.20 24.89 6.53
CA ILE A 109 -4.28 25.69 7.36
C ILE A 109 -4.25 27.14 6.90
N THR A 110 -3.64 27.99 7.74
CA THR A 110 -3.51 29.40 7.42
C THR A 110 -2.07 29.70 6.98
N GLU A 111 -1.89 30.81 6.28
CA GLU A 111 -0.58 31.22 5.80
C GLU A 111 0.41 31.30 6.95
N GLU A 112 -0.03 31.86 8.07
CA GLU A 112 0.80 32.00 9.26
C GLU A 112 1.23 30.63 9.75
N GLN A 113 0.30 29.69 9.74
CA GLN A 113 0.56 28.34 10.18
C GLN A 113 1.33 27.55 9.13
N LYS A 114 1.25 28.01 7.89
CA LYS A 114 1.96 27.35 6.80
C LYS A 114 3.45 27.36 7.09
N GLU A 115 3.92 28.43 7.71
CA GLU A 115 5.33 28.57 8.04
C GLU A 115 5.76 27.56 9.11
N ALA A 116 4.86 27.31 10.06
CA ALA A 116 5.12 26.36 11.15
C ALA A 116 4.86 24.92 10.71
N ALA A 117 4.14 24.76 9.61
CA ALA A 117 3.81 23.45 9.06
C ALA A 117 5.03 22.79 8.44
N PHE A 118 6.01 23.61 8.03
CA PHE A 118 7.24 23.10 7.44
C PHE A 118 8.12 22.34 8.43
N ALA A 119 7.76 22.41 9.72
CA ALA A 119 8.52 21.70 10.77
C ALA A 119 8.28 20.20 10.66
N SER A 120 7.25 19.82 9.88
CA SER A 120 6.90 18.42 9.64
C SER A 120 7.82 17.86 8.56
N PHE A 121 8.44 18.75 7.79
CA PHE A 121 9.34 18.35 6.72
C PHE A 121 10.64 17.73 7.25
N LYS A 122 10.91 17.92 8.52
CA LYS A 122 12.12 17.37 9.15
C LYS A 122 12.14 15.85 9.01
N PHE A 123 10.95 15.26 8.93
CA PHE A 123 10.77 13.83 8.79
C PHE A 123 11.15 13.33 7.40
N VAL A 124 11.32 14.24 6.44
CA VAL A 124 11.72 13.88 5.08
C VAL A 124 13.24 13.85 4.97
N GLU A 125 13.89 14.70 5.75
CA GLU A 125 15.36 14.77 5.78
C GLU A 125 15.90 13.49 6.44
N LEU A 126 15.04 12.85 7.26
CA LEU A 126 15.36 11.61 7.97
C LEU A 126 15.38 10.38 7.05
N ASN A 127 15.03 10.58 5.79
CA ASN A 127 15.00 9.50 4.79
C ASN A 127 15.82 9.81 3.55
N CYS A 128 16.76 10.74 3.70
CA CYS A 128 17.65 11.18 2.64
C CYS A 128 18.81 10.21 2.39
N ASP A 129 18.98 9.82 1.13
CA ASP A 129 20.02 8.89 0.65
C ASP A 129 21.43 9.48 0.81
N GLU A 130 22.43 8.64 0.56
CA GLU A 130 23.83 9.06 0.59
C GLU A 130 23.99 9.86 -0.71
N ASN A 131 23.04 9.64 -1.62
CA ASN A 131 22.95 10.31 -2.93
C ASN A 131 21.94 11.47 -2.86
N GLY A 132 21.18 11.54 -1.78
CA GLY A 132 20.18 12.61 -1.63
C GLY A 132 18.81 12.24 -2.18
N GLU A 133 18.64 10.97 -2.53
CA GLU A 133 17.38 10.47 -3.06
C GLU A 133 16.55 9.85 -1.93
N HIS A 134 15.25 10.06 -2.00
CA HIS A 134 14.37 9.56 -0.98
C HIS A 134 13.53 8.41 -1.50
N LYS A 135 13.93 7.83 -2.62
CA LYS A 135 13.17 6.76 -3.24
C LYS A 135 12.81 5.54 -2.39
N ALA A 136 13.58 5.29 -1.33
CA ALA A 136 13.31 4.16 -0.45
C ALA A 136 12.15 4.50 0.49
N TRP A 137 11.86 5.78 0.61
CA TRP A 137 10.76 6.28 1.41
C TRP A 137 9.55 6.61 0.55
N THR A 138 9.76 7.12 -0.67
CA THR A 138 8.63 7.47 -1.54
C THR A 138 7.98 6.25 -2.20
N LYS A 139 8.79 5.25 -2.56
CA LYS A 139 8.25 4.05 -3.19
C LYS A 139 7.18 3.37 -2.29
N PRO A 140 7.43 3.22 -0.97
CA PRO A 140 6.43 2.60 -0.10
C PRO A 140 5.11 3.40 -0.06
N GLN A 141 5.18 4.74 -0.18
CA GLN A 141 3.97 5.56 -0.18
C GLN A 141 3.12 5.24 -1.42
N ALA A 142 3.79 5.02 -2.55
CA ALA A 142 3.10 4.68 -3.78
C ALA A 142 2.44 3.31 -3.68
N TYR A 143 3.10 2.36 -2.99
CA TYR A 143 2.54 1.02 -2.77
C TYR A 143 1.33 1.07 -1.84
N LEU A 144 1.28 2.07 -0.96
CA LEU A 144 0.13 2.25 -0.10
C LEU A 144 -1.06 2.66 -0.99
N ALA A 145 -0.79 3.57 -1.94
CA ALA A 145 -1.82 4.02 -2.88
C ALA A 145 -2.29 2.83 -3.72
N LEU A 146 -1.37 1.92 -4.06
CA LEU A 146 -1.71 0.74 -4.83
C LEU A 146 -2.62 -0.20 -4.03
N GLY A 147 -2.35 -0.34 -2.73
CA GLY A 147 -3.18 -1.18 -1.87
C GLY A 147 -4.58 -0.60 -1.81
N ASN A 148 -4.66 0.71 -1.80
CA ASN A 148 -5.91 1.44 -1.77
C ASN A 148 -6.64 1.19 -3.10
N ALA A 149 -5.89 1.25 -4.20
CA ALA A 149 -6.47 1.05 -5.52
C ALA A 149 -7.01 -0.37 -5.69
N LEU A 150 -6.30 -1.36 -5.19
CA LEU A 150 -6.76 -2.73 -5.35
C LEU A 150 -8.07 -2.99 -4.58
N HIS A 151 -8.22 -2.32 -3.44
CA HIS A 151 -9.42 -2.48 -2.64
C HIS A 151 -10.55 -1.73 -3.38
N THR A 152 -10.22 -0.56 -3.94
CA THR A 152 -11.18 0.24 -4.67
C THR A 152 -11.73 -0.51 -5.87
N LEU A 153 -10.84 -1.17 -6.61
CA LEU A 153 -11.24 -1.95 -7.79
C LEU A 153 -12.11 -3.14 -7.44
N ALA A 154 -11.88 -3.74 -6.27
CA ALA A 154 -12.67 -4.88 -5.79
C ALA A 154 -14.10 -4.37 -5.53
N ARG A 155 -14.25 -3.15 -5.01
CA ARG A 155 -15.58 -2.60 -4.76
C ARG A 155 -16.35 -2.23 -6.01
N LEU A 156 -15.62 -1.88 -7.07
CA LEU A 156 -16.23 -1.49 -8.38
C LEU A 156 -16.43 -2.68 -9.31
N ASN A 157 -15.94 -3.84 -8.89
CA ASN A 157 -16.05 -5.06 -9.68
C ASN A 157 -15.37 -4.96 -11.02
N ILE A 158 -14.16 -4.43 -11.00
CA ILE A 158 -13.34 -4.27 -12.18
C ILE A 158 -12.14 -5.19 -11.97
N ASP A 159 -11.77 -5.92 -13.00
CA ASP A 159 -10.63 -6.82 -12.95
C ASP A 159 -9.31 -6.07 -13.11
N SER A 160 -8.23 -6.63 -12.57
CA SER A 160 -6.93 -5.97 -12.67
C SER A 160 -5.76 -6.94 -12.57
N THR A 161 -4.59 -6.46 -12.98
CA THR A 161 -3.36 -7.23 -12.94
C THR A 161 -2.27 -6.27 -12.50
N THR A 162 -1.78 -6.46 -11.28
CA THR A 162 -0.70 -5.64 -10.76
C THR A 162 0.54 -6.20 -11.43
N MET A 163 1.47 -5.32 -11.78
CA MET A 163 2.65 -5.75 -12.49
C MET A 163 3.97 -5.14 -12.03
N GLU A 164 4.82 -5.99 -11.45
CA GLU A 164 6.18 -5.59 -11.06
C GLU A 164 7.11 -6.10 -12.17
N GLY A 165 6.58 -6.97 -13.02
CA GLY A 165 7.32 -7.51 -14.15
C GLY A 165 7.28 -6.50 -15.31
N ILE A 166 7.91 -5.35 -15.10
CA ILE A 166 7.99 -4.27 -16.07
C ILE A 166 9.46 -3.83 -16.18
N ASP A 167 9.75 -2.92 -17.11
CA ASP A 167 11.11 -2.44 -17.33
C ASP A 167 11.17 -0.95 -16.97
N PRO A 168 11.58 -0.61 -15.74
CA PRO A 168 11.65 0.77 -15.26
C PRO A 168 12.57 1.64 -16.10
N GLU A 169 13.61 1.04 -16.66
CA GLU A 169 14.59 1.75 -17.48
C GLU A 169 13.96 2.11 -18.82
N LEU A 170 13.40 1.14 -19.51
CA LEU A 170 12.75 1.41 -20.78
C LEU A 170 11.55 2.38 -20.58
N LEU A 171 10.83 2.24 -19.45
CA LEU A 171 9.71 3.12 -19.18
C LEU A 171 10.16 4.56 -19.05
N SER A 172 11.32 4.76 -18.43
CA SER A 172 11.86 6.11 -18.24
C SER A 172 12.25 6.80 -19.55
N GLU A 173 12.51 5.99 -20.57
CA GLU A 173 12.87 6.46 -21.90
C GLU A 173 11.63 6.76 -22.71
N ILE A 174 10.72 5.80 -22.75
CA ILE A 174 9.48 5.93 -23.48
C ILE A 174 8.56 7.04 -22.95
N PHE A 175 8.47 7.17 -21.61
CA PHE A 175 7.67 8.19 -20.96
C PHE A 175 8.62 9.18 -20.31
N ALA A 176 9.58 9.61 -21.12
CA ALA A 176 10.63 10.53 -20.73
C ALA A 176 10.23 11.77 -19.99
N ASP A 177 9.30 12.52 -20.57
CA ASP A 177 8.88 13.74 -19.95
C ASP A 177 7.92 13.54 -18.79
N GLU A 178 7.10 12.51 -18.87
CA GLU A 178 6.10 12.23 -17.84
C GLU A 178 6.74 11.72 -16.54
N LEU A 179 7.81 10.94 -16.69
CA LEU A 179 8.49 10.39 -15.54
C LEU A 179 9.77 11.12 -15.10
N LYS A 180 10.03 12.30 -15.66
CA LYS A 180 11.23 13.04 -15.26
C LYS A 180 11.14 13.41 -13.79
N GLY A 181 12.09 12.95 -13.00
CA GLY A 181 12.10 13.22 -11.57
C GLY A 181 11.40 12.12 -10.76
N TYR A 182 10.99 11.06 -11.44
CA TYR A 182 10.28 9.94 -10.83
C TYR A 182 10.83 8.63 -11.35
N GLU A 183 10.38 7.54 -10.74
CA GLU A 183 10.74 6.20 -11.22
C GLU A 183 9.45 5.41 -11.13
N CYS A 184 9.33 4.35 -11.91
CA CYS A 184 8.12 3.56 -11.86
C CYS A 184 8.48 2.09 -11.75
N HIS A 185 8.12 1.48 -10.63
CA HIS A 185 8.41 0.05 -10.38
C HIS A 185 7.20 -0.86 -10.43
N VAL A 186 6.01 -0.28 -10.53
CA VAL A 186 4.81 -1.08 -10.57
C VAL A 186 3.74 -0.41 -11.42
N ALA A 187 3.05 -1.21 -12.22
CA ALA A 187 1.97 -0.72 -13.06
C ALA A 187 0.74 -1.57 -12.77
N LEU A 188 -0.42 -1.11 -13.22
CA LEU A 188 -1.65 -1.83 -12.96
C LEU A 188 -2.56 -1.81 -14.18
N ALA A 189 -2.82 -2.98 -14.75
CA ALA A 189 -3.74 -3.07 -15.87
C ALA A 189 -5.14 -3.28 -15.26
N ILE A 190 -6.14 -2.62 -15.83
CA ILE A 190 -7.52 -2.77 -15.38
C ILE A 190 -8.38 -3.07 -16.60
N GLY A 191 -9.50 -3.77 -16.38
CA GLY A 191 -10.38 -4.11 -17.49
C GLY A 191 -11.30 -5.22 -17.07
N TYR A 192 -11.68 -6.08 -18.00
CA TYR A 192 -12.58 -7.17 -17.70
C TYR A 192 -11.94 -8.43 -18.23
N HIS A 193 -11.88 -9.46 -17.38
CA HIS A 193 -11.25 -10.70 -17.75
C HIS A 193 -11.91 -11.43 -18.89
N HIS A 194 -11.12 -12.23 -19.59
CA HIS A 194 -11.60 -13.01 -20.70
C HIS A 194 -12.52 -14.04 -20.07
N PRO A 195 -13.75 -14.12 -20.57
CA PRO A 195 -14.78 -15.05 -20.07
C PRO A 195 -14.40 -16.53 -20.00
N SER A 196 -13.48 -16.99 -20.83
CA SER A 196 -13.11 -18.40 -20.80
C SER A 196 -11.62 -18.73 -20.82
N GLU A 197 -10.77 -17.74 -21.08
CA GLU A 197 -9.34 -18.00 -21.11
C GLU A 197 -8.54 -17.45 -19.96
N ASP A 198 -9.20 -16.79 -19.03
CA ASP A 198 -8.48 -16.30 -17.85
C ASP A 198 -8.54 -17.46 -16.84
N TYR A 199 -7.49 -18.27 -16.83
CA TYR A 199 -7.39 -19.45 -15.96
C TYR A 199 -7.41 -19.18 -14.46
N ASN A 200 -6.96 -18.00 -14.07
CA ASN A 200 -6.89 -17.66 -12.67
C ASN A 200 -8.22 -17.36 -12.05
N ALA A 201 -9.23 -17.12 -12.88
CA ALA A 201 -10.56 -16.80 -12.41
C ALA A 201 -11.24 -17.99 -11.72
N SER A 202 -10.81 -19.19 -12.09
CA SER A 202 -11.36 -20.41 -11.54
C SER A 202 -10.49 -21.08 -10.45
N LEU A 203 -9.31 -20.54 -10.17
CA LEU A 203 -8.41 -21.12 -9.16
C LEU A 203 -8.71 -20.57 -7.77
N PRO A 204 -8.54 -21.41 -6.72
CA PRO A 204 -8.79 -20.97 -5.34
C PRO A 204 -7.73 -19.95 -4.95
N LYS A 205 -8.09 -19.02 -4.07
CA LYS A 205 -7.14 -18.04 -3.58
C LYS A 205 -6.34 -18.77 -2.48
N SER A 206 -5.05 -18.47 -2.38
CA SER A 206 -4.20 -19.10 -1.37
C SER A 206 -3.37 -18.08 -0.60
N ARG A 207 -3.48 -18.14 0.73
CA ARG A 207 -2.73 -17.27 1.63
C ARG A 207 -2.22 -18.14 2.78
N LYS A 208 -1.22 -17.62 3.50
CA LYS A 208 -0.64 -18.31 4.65
C LYS A 208 -1.67 -18.42 5.79
N ALA A 209 -1.48 -19.44 6.64
CA ALA A 209 -2.35 -19.66 7.79
C ALA A 209 -2.33 -18.41 8.65
N PHE A 210 -3.49 -18.07 9.20
CA PHE A 210 -3.64 -16.93 10.07
C PHE A 210 -2.54 -16.85 11.13
N GLU A 211 -2.22 -17.98 11.74
CA GLU A 211 -1.21 -18.08 12.79
C GLU A 211 0.22 -17.77 12.32
N ASP A 212 0.47 -17.99 11.05
CA ASP A 212 1.77 -17.75 10.44
C ASP A 212 2.06 -16.27 10.15
N VAL A 213 1.02 -15.46 10.00
CA VAL A 213 1.22 -14.04 9.68
C VAL A 213 0.73 -13.09 10.74
N ILE A 214 -0.12 -13.59 11.65
CA ILE A 214 -0.68 -12.73 12.69
C ILE A 214 -0.32 -13.22 14.10
N THR A 215 0.14 -12.31 14.94
CA THR A 215 0.50 -12.62 16.32
C THR A 215 -0.24 -11.65 17.20
N ILE A 216 -0.97 -12.15 18.19
CA ILE A 216 -1.70 -11.26 19.09
C ILE A 216 -1.04 -11.29 20.46
N LEU A 217 -0.67 -10.11 20.97
CA LEU A 217 0.02 -9.97 22.24
C LEU A 217 -0.75 -9.18 23.30
N THR B 1 -23.45 10.99 -2.20
CA THR B 1 -22.02 10.78 -2.57
C THR B 1 -21.80 9.32 -2.88
N HIS B 2 -20.95 9.04 -3.87
CA HIS B 2 -20.61 7.68 -4.23
C HIS B 2 -20.02 7.05 -2.94
N PRO B 3 -20.46 5.81 -2.56
CA PRO B 3 -19.97 5.12 -1.35
C PRO B 3 -18.44 5.08 -1.19
N ILE B 4 -17.71 4.78 -2.26
CA ILE B 4 -16.24 4.73 -2.20
C ILE B 4 -15.62 6.10 -1.87
N ILE B 5 -16.09 7.13 -2.54
CA ILE B 5 -15.59 8.47 -2.31
C ILE B 5 -15.95 8.96 -0.90
N HIS B 6 -17.17 8.65 -0.45
CA HIS B 6 -17.60 9.04 0.88
C HIS B 6 -16.65 8.47 1.93
N ASP B 7 -16.32 7.19 1.81
CA ASP B 7 -15.42 6.52 2.74
C ASP B 7 -14.03 7.14 2.76
N LEU B 8 -13.48 7.41 1.57
CA LEU B 8 -12.14 7.99 1.48
C LEU B 8 -12.06 9.47 1.82
N GLU B 9 -13.18 10.17 1.71
CA GLU B 9 -13.20 11.58 2.08
C GLU B 9 -13.42 11.71 3.58
N ASN B 10 -14.08 10.73 4.19
CA ASN B 10 -14.36 10.79 5.61
C ASN B 10 -13.36 10.19 6.58
N ARG B 11 -12.52 9.28 6.11
CA ARG B 11 -11.48 8.70 6.96
C ARG B 11 -10.42 9.81 7.08
N TYR B 12 -9.69 9.84 8.19
CA TYR B 12 -8.65 10.84 8.39
C TYR B 12 -7.73 10.33 9.49
N THR B 13 -6.66 11.05 9.76
CA THR B 13 -5.71 10.65 10.81
C THR B 13 -6.13 11.26 12.14
N SER B 14 -6.59 10.39 13.04
CA SER B 14 -7.02 10.82 14.37
C SER B 14 -5.80 11.31 15.16
N LYS B 15 -5.99 12.40 15.91
CA LYS B 15 -4.91 12.97 16.73
C LYS B 15 -5.16 12.86 18.25
N LYS B 16 -6.22 12.14 18.64
CA LYS B 16 -6.56 11.92 20.06
C LYS B 16 -7.68 10.88 20.18
N TYR B 17 -7.44 9.86 21.00
CA TYR B 17 -8.37 8.78 21.22
C TYR B 17 -9.21 8.89 22.48
N ASP B 18 -10.30 8.14 22.47
CA ASP B 18 -11.22 8.03 23.60
C ASP B 18 -10.80 6.68 24.23
N PRO B 19 -10.17 6.73 25.43
CA PRO B 19 -9.70 5.52 26.15
C PRO B 19 -10.77 4.60 26.75
N SER B 20 -12.04 4.93 26.52
CA SER B 20 -13.14 4.13 27.03
C SER B 20 -13.94 3.37 25.97
N LYS B 21 -13.42 3.36 24.74
CA LYS B 21 -14.04 2.67 23.62
C LYS B 21 -13.02 1.72 23.02
N LYS B 22 -13.41 0.47 22.87
CA LYS B 22 -12.53 -0.54 22.29
C LYS B 22 -13.18 -1.06 21.02
N VAL B 23 -12.34 -1.55 20.11
CA VAL B 23 -12.78 -2.15 18.87
C VAL B 23 -13.32 -3.54 19.25
N SER B 24 -14.47 -3.91 18.71
CA SER B 24 -15.07 -5.20 19.00
C SER B 24 -14.24 -6.34 18.40
N GLN B 25 -14.38 -7.53 18.97
CA GLN B 25 -13.64 -8.67 18.45
C GLN B 25 -14.18 -9.03 17.08
N GLU B 26 -15.45 -8.76 16.83
CA GLU B 26 -16.08 -9.05 15.53
C GLU B 26 -15.39 -8.16 14.48
N ASP B 27 -15.26 -6.86 14.75
CA ASP B 27 -14.60 -5.95 13.83
C ASP B 27 -13.10 -6.22 13.69
N LEU B 28 -12.43 -6.54 14.79
CA LEU B 28 -11.02 -6.82 14.73
C LEU B 28 -10.74 -8.06 13.85
N ALA B 29 -11.59 -9.08 13.95
CA ALA B 29 -11.42 -10.29 13.15
C ALA B 29 -11.53 -10.00 11.65
N VAL B 30 -12.43 -9.09 11.27
CA VAL B 30 -12.60 -8.72 9.87
C VAL B 30 -11.32 -8.02 9.35
N LEU B 31 -10.82 -7.06 10.13
CA LEU B 31 -9.61 -6.33 9.80
C LEU B 31 -8.41 -7.27 9.63
N LEU B 32 -8.26 -8.24 10.54
CA LEU B 32 -7.12 -9.17 10.50
C LEU B 32 -7.23 -10.11 9.32
N GLU B 33 -8.43 -10.51 8.96
CA GLU B 33 -8.59 -11.38 7.81
C GLU B 33 -8.37 -10.56 6.52
N ALA B 34 -8.75 -9.28 6.55
CA ALA B 34 -8.56 -8.38 5.40
C ALA B 34 -7.05 -8.21 5.16
N LEU B 35 -6.28 -8.08 6.24
CA LEU B 35 -4.83 -7.95 6.13
C LEU B 35 -4.23 -9.23 5.52
N ARG B 36 -4.70 -10.38 6.00
CA ARG B 36 -4.22 -11.67 5.51
C ARG B 36 -4.45 -11.86 4.01
N LEU B 37 -5.59 -11.36 3.52
CA LEU B 37 -5.96 -11.50 2.12
C LEU B 37 -5.27 -10.51 1.17
N SER B 38 -4.43 -9.63 1.70
CA SER B 38 -3.70 -8.64 0.88
C SER B 38 -2.86 -9.30 -0.19
N ALA B 39 -2.82 -8.67 -1.35
CA ALA B 39 -2.05 -9.17 -2.48
C ALA B 39 -0.58 -8.78 -2.27
N SER B 40 0.33 -9.55 -2.87
CA SER B 40 1.75 -9.23 -2.76
C SER B 40 2.42 -9.85 -3.94
N SER B 41 3.57 -9.29 -4.32
CA SER B 41 4.34 -9.80 -5.45
C SER B 41 4.62 -11.28 -5.22
N ILE B 42 4.36 -12.09 -6.25
CA ILE B 42 4.47 -13.56 -6.25
C ILE B 42 3.80 -14.27 -5.05
N ASN B 43 2.83 -13.62 -4.42
CA ASN B 43 2.11 -14.15 -3.26
C ASN B 43 3.10 -14.46 -2.15
N SER B 44 4.19 -13.69 -2.12
CA SER B 44 5.25 -13.84 -1.14
C SER B 44 4.82 -13.63 0.31
N GLN B 45 3.91 -12.68 0.53
CA GLN B 45 3.40 -12.35 1.88
C GLN B 45 4.59 -12.26 2.86
N PRO B 46 5.59 -11.42 2.54
CA PRO B 46 6.79 -11.24 3.37
C PRO B 46 6.53 -10.33 4.56
N TRP B 47 5.48 -10.64 5.31
CA TRP B 47 5.09 -9.79 6.40
C TRP B 47 4.59 -10.55 7.62
N LYS B 48 4.39 -9.78 8.69
CA LYS B 48 3.89 -10.31 9.93
C LYS B 48 3.14 -9.12 10.51
N PHE B 49 1.94 -9.34 10.99
CA PHE B 49 1.15 -8.28 11.60
C PHE B 49 1.05 -8.60 13.09
N ILE B 50 1.69 -7.76 13.91
CA ILE B 50 1.70 -7.97 15.34
C ILE B 50 0.68 -7.06 16.02
N VAL B 51 -0.30 -7.68 16.68
CA VAL B 51 -1.37 -6.94 17.34
C VAL B 51 -1.08 -6.75 18.83
N ILE B 52 -0.98 -5.49 19.24
CA ILE B 52 -0.72 -5.12 20.61
C ILE B 52 -2.12 -4.92 21.22
N GLU B 53 -2.57 -5.90 21.98
CA GLU B 53 -3.89 -5.88 22.59
C GLU B 53 -3.91 -5.81 24.13
N SER B 54 -3.13 -6.66 24.78
CA SER B 54 -3.10 -6.69 26.25
C SER B 54 -2.47 -5.47 26.87
N ASP B 55 -2.77 -5.24 28.15
CA ASP B 55 -2.18 -4.13 28.88
C ASP B 55 -0.66 -4.27 28.97
N ALA B 56 -0.20 -5.51 29.09
CA ALA B 56 1.23 -5.79 29.18
C ALA B 56 1.89 -5.45 27.84
N ALA B 57 1.27 -5.85 26.73
CA ALA B 57 1.81 -5.54 25.41
C ALA B 57 1.79 -4.03 25.17
N LYS B 58 0.72 -3.35 25.58
CA LYS B 58 0.61 -1.89 25.41
C LYS B 58 1.74 -1.17 26.15
N GLN B 59 2.10 -1.67 27.34
CA GLN B 59 3.19 -1.05 28.11
C GLN B 59 4.51 -1.16 27.35
N ARG B 60 4.77 -2.33 26.78
CA ARG B 60 5.97 -2.58 26.00
C ARG B 60 6.00 -1.62 24.81
N MET B 61 4.86 -1.45 24.13
CA MET B 61 4.77 -0.53 22.99
C MET B 61 5.01 0.90 23.45
N HIS B 62 4.41 1.24 24.58
CA HIS B 62 4.52 2.55 25.16
C HIS B 62 5.97 2.89 25.43
N ASP B 63 6.72 1.90 25.91
CA ASP B 63 8.12 2.08 26.22
C ASP B 63 9.04 2.27 25.01
N SER B 64 8.58 1.91 23.81
CA SER B 64 9.40 2.05 22.60
C SER B 64 9.57 3.51 22.14
N PHE B 65 8.89 4.43 22.82
CA PHE B 65 8.95 5.86 22.50
C PHE B 65 9.82 6.57 23.52
N ALA B 66 10.59 5.77 24.25
CA ALA B 66 11.48 6.25 25.30
C ALA B 66 12.35 7.40 24.87
N ASN B 67 12.97 7.28 23.70
CA ASN B 67 13.85 8.34 23.25
C ASN B 67 13.62 8.92 21.86
N MET B 68 12.39 8.83 21.35
CA MET B 68 12.11 9.33 20.01
C MET B 68 10.63 9.39 19.67
N HIS B 69 10.25 10.44 18.94
CA HIS B 69 8.86 10.63 18.48
C HIS B 69 7.80 10.50 19.56
N GLN B 70 7.98 11.25 20.63
CA GLN B 70 7.05 11.19 21.74
C GLN B 70 5.68 11.80 21.49
N PHE B 71 5.51 12.50 20.37
CA PHE B 71 4.18 13.07 20.06
C PHE B 71 3.18 11.94 19.72
N ASN B 72 3.72 10.78 19.34
CA ASN B 72 2.90 9.62 19.02
C ASN B 72 2.60 8.73 20.25
N GLN B 73 3.40 8.86 21.30
CA GLN B 73 3.26 8.02 22.49
C GLN B 73 1.93 7.98 23.25
N PRO B 74 1.23 9.12 23.39
CA PRO B 74 -0.03 9.09 24.13
C PRO B 74 -1.10 8.20 23.55
N HIS B 75 -1.02 7.92 22.24
CA HIS B 75 -2.02 7.11 21.55
C HIS B 75 -2.01 5.65 21.95
N ILE B 76 -0.82 5.14 22.27
CA ILE B 76 -0.63 3.74 22.62
C ILE B 76 -1.58 3.21 23.68
N LYS B 77 -1.61 3.86 24.83
CA LYS B 77 -2.49 3.42 25.89
C LYS B 77 -3.93 3.88 25.72
N ALA B 78 -4.14 4.99 25.02
CA ALA B 78 -5.50 5.53 24.80
C ALA B 78 -6.34 4.80 23.74
N CYS B 79 -5.69 4.36 22.67
CA CYS B 79 -6.37 3.67 21.59
C CYS B 79 -6.79 2.27 22.00
N SER B 80 -7.48 1.57 21.10
CA SER B 80 -7.94 0.20 21.36
C SER B 80 -6.81 -0.82 21.12
N HIS B 81 -6.26 -0.85 19.90
CA HIS B 81 -5.19 -1.79 19.57
C HIS B 81 -4.15 -1.07 18.73
N VAL B 82 -2.93 -1.62 18.68
CA VAL B 82 -1.88 -1.07 17.83
C VAL B 82 -1.46 -2.25 16.99
N ILE B 83 -1.23 -2.04 15.69
CA ILE B 83 -0.80 -3.12 14.80
C ILE B 83 0.54 -2.73 14.20
N LEU B 84 1.51 -3.63 14.34
CA LEU B 84 2.84 -3.39 13.80
C LEU B 84 2.90 -4.09 12.45
N PHE B 85 3.28 -3.35 11.41
CA PHE B 85 3.42 -3.91 10.07
C PHE B 85 4.89 -4.22 9.90
N ALA B 86 5.24 -5.51 10.01
CA ALA B 86 6.62 -5.95 9.89
C ALA B 86 6.90 -6.55 8.53
N ASN B 87 8.07 -6.23 7.97
CA ASN B 87 8.47 -6.77 6.68
C ASN B 87 9.74 -7.62 6.87
N LYS B 88 9.81 -8.73 6.14
CA LYS B 88 10.94 -9.62 6.26
C LYS B 88 12.27 -9.07 5.72
N LEU B 89 13.33 -9.29 6.49
CA LEU B 89 14.65 -8.82 6.12
C LEU B 89 15.18 -9.51 4.89
N SER B 90 15.09 -10.83 4.86
CA SER B 90 15.52 -11.57 3.69
C SER B 90 14.47 -12.64 3.37
N TYR B 91 14.17 -12.80 2.10
CA TYR B 91 13.18 -13.76 1.65
C TYR B 91 13.90 -14.87 0.91
N THR B 92 13.90 -16.07 1.48
CA THR B 92 14.59 -17.20 0.90
C THR B 92 13.68 -18.16 0.16
N ARG B 93 14.30 -19.09 -0.55
CA ARG B 93 13.59 -20.11 -1.29
C ARG B 93 12.82 -20.99 -0.31
N ASP B 94 13.26 -21.00 0.94
CA ASP B 94 12.58 -21.77 1.99
C ASP B 94 11.31 -21.06 2.39
N ASP B 95 11.40 -19.74 2.47
CA ASP B 95 10.24 -18.93 2.82
C ASP B 95 9.22 -19.10 1.71
N TYR B 96 9.71 -19.11 0.47
CA TYR B 96 8.85 -19.26 -0.69
C TYR B 96 8.21 -20.64 -0.77
N ASP B 97 8.95 -21.66 -0.32
CA ASP B 97 8.45 -23.03 -0.34
C ASP B 97 7.20 -23.14 0.57
N VAL B 98 7.18 -22.36 1.64
CA VAL B 98 6.04 -22.34 2.54
C VAL B 98 4.81 -21.92 1.73
N VAL B 99 5.01 -20.94 0.85
CA VAL B 99 3.92 -20.44 0.01
C VAL B 99 3.52 -21.47 -1.03
N LEU B 100 4.49 -22.02 -1.74
CA LEU B 100 4.19 -23.00 -2.77
C LEU B 100 3.54 -24.27 -2.23
N SER B 101 4.00 -24.70 -1.06
CA SER B 101 3.45 -25.90 -0.41
C SER B 101 1.99 -25.69 -0.10
N LYS B 102 1.68 -24.52 0.44
CA LYS B 102 0.31 -24.15 0.76
C LYS B 102 -0.53 -24.07 -0.51
N ALA B 103 0.07 -23.63 -1.61
CA ALA B 103 -0.64 -23.53 -2.87
C ALA B 103 -0.99 -24.91 -3.40
N VAL B 104 -0.08 -25.87 -3.22
CA VAL B 104 -0.37 -27.24 -3.65
C VAL B 104 -1.52 -27.79 -2.80
N ALA B 105 -1.49 -27.48 -1.50
CA ALA B 105 -2.52 -27.93 -0.57
C ALA B 105 -3.89 -27.31 -0.88
N ASP B 106 -3.89 -26.03 -1.29
CA ASP B 106 -5.12 -25.31 -1.61
C ASP B 106 -5.64 -25.61 -3.01
N LYS B 107 -4.91 -26.46 -3.72
CA LYS B 107 -5.30 -26.89 -5.07
C LYS B 107 -5.15 -25.88 -6.19
N ARG B 108 -4.28 -24.87 -6.02
CA ARG B 108 -4.11 -23.96 -7.15
C ARG B 108 -3.00 -24.42 -8.09
N ILE B 109 -2.08 -25.22 -7.57
CA ILE B 109 -1.01 -25.81 -8.37
C ILE B 109 -0.78 -27.25 -7.93
N THR B 110 -0.19 -28.02 -8.83
CA THR B 110 0.13 -29.40 -8.57
C THR B 110 1.54 -29.50 -7.98
N GLU B 111 1.81 -30.59 -7.26
CA GLU B 111 3.12 -30.82 -6.66
C GLU B 111 4.20 -30.91 -7.73
N GLU B 112 3.80 -31.34 -8.92
CA GLU B 112 4.70 -31.46 -10.06
C GLU B 112 4.99 -30.02 -10.50
N GLN B 113 3.93 -29.24 -10.64
CA GLN B 113 4.03 -27.86 -11.05
C GLN B 113 4.71 -27.02 -9.99
N LYS B 114 4.80 -27.55 -8.78
CA LYS B 114 5.41 -26.83 -7.68
C LYS B 114 6.85 -26.48 -8.00
N GLU B 115 7.61 -27.50 -8.39
CA GLU B 115 9.01 -27.29 -8.75
C GLU B 115 9.05 -26.34 -9.93
N ALA B 116 8.04 -26.45 -10.78
CA ALA B 116 7.94 -25.59 -11.95
C ALA B 116 7.58 -24.17 -11.52
N ALA B 117 6.96 -24.06 -10.35
CA ALA B 117 6.53 -22.78 -9.81
C ALA B 117 7.68 -21.98 -9.20
N PHE B 118 8.77 -22.68 -8.86
CA PHE B 118 9.94 -22.04 -8.25
C PHE B 118 10.71 -21.07 -9.16
N ALA B 119 10.34 -21.02 -10.44
CA ALA B 119 10.98 -20.13 -11.42
C ALA B 119 10.60 -18.67 -11.22
N SER B 120 9.41 -18.47 -10.63
CA SER B 120 8.90 -17.13 -10.34
C SER B 120 9.70 -16.53 -9.19
N PHE B 121 10.51 -17.36 -8.53
CA PHE B 121 11.33 -16.89 -7.43
C PHE B 121 12.53 -16.09 -7.89
N LYS B 122 12.87 -16.22 -9.17
CA LYS B 122 13.98 -15.48 -9.79
C LYS B 122 13.77 -13.99 -9.59
N PHE B 123 12.50 -13.60 -9.57
CA PHE B 123 12.06 -12.22 -9.39
C PHE B 123 12.51 -11.67 -8.04
N VAL B 124 12.61 -12.56 -7.06
CA VAL B 124 13.07 -12.19 -5.72
C VAL B 124 14.58 -12.05 -5.72
N GLU B 125 15.26 -13.06 -6.30
CA GLU B 125 16.72 -13.10 -6.40
C GLU B 125 17.33 -11.85 -7.02
N LEU B 126 16.63 -11.29 -8.00
CA LEU B 126 17.09 -10.09 -8.67
C LEU B 126 16.96 -8.84 -7.81
N ASN B 127 16.06 -8.90 -6.82
CA ASN B 127 15.80 -7.77 -5.91
C ASN B 127 16.58 -7.86 -4.58
N CYS B 128 17.69 -8.59 -4.59
CA CYS B 128 18.55 -8.81 -3.43
C CYS B 128 19.60 -7.70 -3.32
N ASP B 129 19.54 -6.91 -2.24
CA ASP B 129 20.48 -5.81 -2.07
C ASP B 129 21.96 -6.13 -1.75
N GLU B 130 22.71 -5.07 -1.45
CA GLU B 130 24.12 -5.12 -1.12
C GLU B 130 24.43 -6.22 -0.10
N ASN B 131 23.78 -6.09 1.07
CA ASN B 131 23.96 -7.04 2.17
C ASN B 131 23.23 -8.36 1.96
N GLY B 132 22.66 -8.56 0.77
CA GLY B 132 21.92 -9.78 0.48
C GLY B 132 20.54 -9.81 1.13
N GLU B 133 20.01 -8.61 1.42
CA GLU B 133 18.71 -8.46 2.06
C GLU B 133 17.67 -8.03 1.01
N HIS B 134 16.39 -8.32 1.25
CA HIS B 134 15.36 -7.95 0.30
C HIS B 134 14.41 -6.92 0.87
N LYS B 135 14.81 -6.28 1.96
CA LYS B 135 13.96 -5.30 2.62
C LYS B 135 13.44 -4.14 1.77
N ALA B 136 14.13 -3.81 0.68
CA ALA B 136 13.69 -2.71 -0.19
C ALA B 136 12.51 -3.16 -1.06
N TRP B 137 12.37 -4.48 -1.16
CA TRP B 137 11.30 -5.11 -1.91
C TRP B 137 10.16 -5.57 -0.96
N THR B 138 10.50 -6.05 0.24
CA THR B 138 9.48 -6.51 1.18
C THR B 138 8.75 -5.37 1.88
N LYS B 139 9.45 -4.29 2.19
CA LYS B 139 8.81 -3.14 2.83
C LYS B 139 7.61 -2.57 2.00
N PRO B 140 7.78 -2.40 0.67
CA PRO B 140 6.67 -1.89 -0.15
C PRO B 140 5.45 -2.85 -0.11
N GLN B 141 5.66 -4.17 -0.02
CA GLN B 141 4.56 -5.13 0.04
C GLN B 141 3.75 -4.88 1.30
N ALA B 142 4.45 -4.61 2.41
CA ALA B 142 3.79 -4.33 3.69
C ALA B 142 2.98 -3.03 3.63
N TYR B 143 3.45 -2.05 2.87
CA TYR B 143 2.75 -0.78 2.74
C TYR B 143 1.49 -0.97 1.89
N LEU B 144 1.54 -1.95 0.99
CA LEU B 144 0.38 -2.25 0.17
C LEU B 144 -0.70 -2.78 1.13
N ALA B 145 -0.29 -3.65 2.06
CA ALA B 145 -1.22 -4.22 3.07
C ALA B 145 -1.76 -3.10 3.94
N LEU B 146 -0.94 -2.09 4.22
CA LEU B 146 -1.36 -0.95 5.02
C LEU B 146 -2.42 -0.11 4.27
N GLY B 147 -2.26 0.04 2.96
CA GLY B 147 -3.23 0.80 2.17
C GLY B 147 -4.55 0.05 2.17
N ASN B 148 -4.47 -1.28 2.10
CA ASN B 148 -5.63 -2.13 2.14
C ASN B 148 -6.29 -1.94 3.52
N ALA B 149 -5.50 -1.94 4.58
CA ALA B 149 -6.03 -1.77 5.93
C ALA B 149 -6.73 -0.44 6.15
N LEU B 150 -6.17 0.64 5.61
CA LEU B 150 -6.77 1.96 5.79
C LEU B 150 -8.12 2.07 5.11
N HIS B 151 -8.26 1.42 3.96
CA HIS B 151 -9.52 1.42 3.22
C HIS B 151 -10.50 0.54 4.02
N THR B 152 -10.02 -0.59 4.54
CA THR B 152 -10.84 -1.51 5.34
C THR B 152 -11.42 -0.82 6.58
N LEU B 153 -10.59 -0.05 7.29
CA LEU B 153 -11.01 0.68 8.49
C LEU B 153 -12.02 1.77 8.16
N ALA B 154 -11.89 2.37 6.98
CA ALA B 154 -12.84 3.41 6.54
C ALA B 154 -14.21 2.77 6.37
N ARG B 155 -14.25 1.55 5.84
CA ARG B 155 -15.51 0.83 5.66
C ARG B 155 -16.15 0.38 6.98
N LEU B 156 -15.34 0.11 8.00
CA LEU B 156 -15.85 -0.32 9.31
C LEU B 156 -16.16 0.83 10.26
N ASN B 157 -15.81 2.04 9.82
CA ASN B 157 -16.02 3.25 10.61
C ASN B 157 -15.25 3.24 11.91
N ILE B 158 -13.99 2.84 11.81
CA ILE B 158 -13.08 2.78 12.95
C ILE B 158 -12.00 3.82 12.67
N ASP B 159 -11.67 4.61 13.69
CA ASP B 159 -10.63 5.62 13.57
C ASP B 159 -9.23 5.02 13.67
N SER B 160 -8.25 5.69 13.07
CA SER B 160 -6.90 5.18 13.11
C SER B 160 -5.84 6.26 12.95
N THR B 161 -4.60 5.92 13.27
CA THR B 161 -3.47 6.83 13.17
C THR B 161 -2.31 6.01 12.67
N THR B 162 -1.89 6.26 11.42
CA THR B 162 -0.75 5.56 10.88
C THR B 162 0.46 6.22 11.49
N MET B 163 1.49 5.44 11.81
CA MET B 163 2.67 6.02 12.43
C MET B 163 4.01 5.55 11.88
N GLU B 164 4.73 6.48 11.28
CA GLU B 164 6.09 6.21 10.82
C GLU B 164 7.03 6.83 11.89
N GLY B 165 6.46 7.66 12.76
CA GLY B 165 7.19 8.27 13.85
C GLY B 165 7.29 7.28 15.01
N ILE B 166 8.04 6.21 14.76
CA ILE B 166 8.30 5.14 15.72
C ILE B 166 9.81 4.87 15.74
N ASP B 167 10.25 4.02 16.65
CA ASP B 167 11.68 3.69 16.80
C ASP B 167 11.87 2.22 16.44
N PRO B 168 12.24 1.92 15.17
CA PRO B 168 12.47 0.55 14.68
C PRO B 168 13.53 -0.25 15.44
N GLU B 169 14.62 0.39 15.82
CA GLU B 169 15.70 -0.29 16.53
C GLU B 169 15.22 -0.75 17.91
N LEU B 170 14.59 0.17 18.65
CA LEU B 170 14.06 -0.11 19.99
C LEU B 170 12.91 -1.12 19.96
N LEU B 171 12.13 -1.15 18.87
CA LEU B 171 11.03 -2.08 18.72
C LEU B 171 11.59 -3.46 18.54
N SER B 172 12.69 -3.54 17.81
CA SER B 172 13.36 -4.81 17.56
C SER B 172 13.99 -5.36 18.85
N GLU B 173 14.21 -4.46 19.81
CA GLU B 173 14.79 -4.83 21.10
C GLU B 173 13.67 -5.32 22.04
N ILE B 174 12.59 -4.53 22.15
CA ILE B 174 11.43 -4.82 23.00
C ILE B 174 10.60 -6.06 22.53
N PHE B 175 10.39 -6.17 21.22
CA PHE B 175 9.64 -7.29 20.64
C PHE B 175 10.63 -8.18 19.92
N ALA B 176 11.72 -8.44 20.61
CA ALA B 176 12.83 -9.25 20.12
C ALA B 176 12.48 -10.55 19.43
N ASP B 177 11.67 -11.37 20.10
CA ASP B 177 11.28 -12.67 19.57
C ASP B 177 10.27 -12.61 18.44
N GLU B 178 9.35 -11.66 18.56
CA GLU B 178 8.29 -11.47 17.58
C GLU B 178 8.80 -10.88 16.25
N LEU B 179 9.76 -9.96 16.33
CA LEU B 179 10.31 -9.33 15.15
C LEU B 179 11.59 -9.99 14.64
N LYS B 180 11.81 -11.22 15.07
CA LYS B 180 12.99 -11.97 14.66
C LYS B 180 12.96 -12.23 13.16
N GLY B 181 13.91 -11.63 12.44
CA GLY B 181 14.01 -11.81 10.99
C GLY B 181 13.18 -10.81 10.21
N TYR B 182 12.67 -9.80 10.92
CA TYR B 182 11.83 -8.75 10.35
C TYR B 182 12.27 -7.40 10.87
N GLU B 183 11.69 -6.36 10.31
CA GLU B 183 11.94 -5.00 10.75
C GLU B 183 10.55 -4.36 10.73
N CYS B 184 10.34 -3.30 11.49
CA CYS B 184 9.06 -2.62 11.51
C CYS B 184 9.27 -1.14 11.40
N HIS B 185 8.78 -0.57 10.29
CA HIS B 185 8.89 0.86 10.01
C HIS B 185 7.59 1.64 10.13
N VAL B 186 6.50 0.93 10.33
CA VAL B 186 5.20 1.60 10.43
C VAL B 186 4.25 0.80 11.32
N ALA B 187 3.52 1.53 12.16
CA ALA B 187 2.55 0.92 13.05
C ALA B 187 1.21 1.63 12.82
N LEU B 188 0.14 1.03 13.31
CA LEU B 188 -1.17 1.62 13.11
C LEU B 188 -2.01 1.53 14.39
N ALA B 189 -2.38 2.67 14.96
CA ALA B 189 -3.23 2.67 16.13
C ALA B 189 -4.67 2.71 15.61
N ILE B 190 -5.57 1.98 16.26
CA ILE B 190 -6.97 1.98 15.86
C ILE B 190 -7.82 2.17 17.12
N GLY B 191 -9.01 2.71 16.97
CA GLY B 191 -9.86 2.93 18.11
C GLY B 191 -10.90 3.95 17.74
N TYR B 192 -11.35 4.76 18.71
CA TYR B 192 -12.36 5.77 18.47
C TYR B 192 -11.85 7.09 18.95
N HIS B 193 -11.94 8.11 18.09
CA HIS B 193 -11.42 9.42 18.42
C HIS B 193 -12.12 10.06 19.60
N HIS B 194 -11.41 10.98 20.23
CA HIS B 194 -11.92 11.73 21.36
C HIS B 194 -12.94 12.71 20.80
N PRO B 195 -14.17 12.67 21.30
CA PRO B 195 -15.34 13.49 20.93
C PRO B 195 -15.15 15.00 20.88
N SER B 196 -14.20 15.50 21.66
CA SER B 196 -13.94 16.94 21.67
C SER B 196 -12.49 17.36 21.47
N GLU B 197 -11.55 16.50 21.84
CA GLU B 197 -10.14 16.86 21.71
C GLU B 197 -9.37 16.42 20.48
N ASP B 198 -10.01 15.67 19.58
CA ASP B 198 -9.31 15.29 18.37
C ASP B 198 -9.59 16.45 17.40
N TYR B 199 -8.65 17.38 17.33
CA TYR B 199 -8.81 18.56 16.49
C TYR B 199 -8.78 18.29 14.98
N ASN B 200 -8.19 17.16 14.57
CA ASN B 200 -8.12 16.85 13.15
C ASN B 200 -9.47 16.39 12.60
N ALA B 201 -10.38 15.99 13.48
CA ALA B 201 -11.70 15.52 13.08
C ALA B 201 -12.53 16.63 12.44
N SER B 202 -12.20 17.87 12.76
CA SER B 202 -12.92 19.02 12.24
C SER B 202 -12.20 19.77 11.10
N LEU B 203 -10.96 19.38 10.78
CA LEU B 203 -10.22 20.06 9.72
C LEU B 203 -10.52 19.48 8.35
N PRO B 204 -10.49 20.31 7.29
CA PRO B 204 -10.78 19.84 5.92
C PRO B 204 -9.63 18.95 5.46
N LYS B 205 -9.92 17.98 4.61
CA LYS B 205 -8.87 17.12 4.08
C LYS B 205 -8.22 17.91 2.94
N SER B 206 -6.92 17.75 2.77
CA SER B 206 -6.22 18.46 1.71
C SER B 206 -5.33 17.53 0.89
N ARG B 207 -5.48 17.59 -0.43
CA ARG B 207 -4.69 16.82 -1.38
C ARG B 207 -4.37 17.72 -2.56
N LYS B 208 -3.35 17.35 -3.31
CA LYS B 208 -2.92 18.07 -4.49
C LYS B 208 -4.00 18.05 -5.56
N ALA B 209 -3.96 19.05 -6.42
CA ALA B 209 -4.91 19.19 -7.52
C ALA B 209 -4.81 17.96 -8.41
N PHE B 210 -5.94 17.49 -8.90
CA PHE B 210 -6.02 16.35 -9.79
C PHE B 210 -4.98 16.41 -10.92
N GLU B 211 -4.82 17.56 -11.56
CA GLU B 211 -3.85 17.64 -12.65
C GLU B 211 -2.39 17.63 -12.20
N ASP B 212 -2.16 17.83 -10.91
CA ASP B 212 -0.80 17.77 -10.38
C ASP B 212 -0.33 16.34 -10.10
N VAL B 213 -1.27 15.41 -9.90
CA VAL B 213 -0.90 14.03 -9.59
C VAL B 213 -1.34 13.02 -10.63
N ILE B 214 -2.25 13.42 -11.51
CA ILE B 214 -2.75 12.50 -12.52
C ILE B 214 -2.50 13.04 -13.93
N THR B 215 -2.02 12.17 -14.81
CA THR B 215 -1.76 12.50 -16.21
C THR B 215 -2.45 11.45 -17.04
N ILE B 216 -3.26 11.87 -18.01
CA ILE B 216 -3.95 10.92 -18.89
C ILE B 216 -3.34 11.02 -20.29
N LEU B 217 -2.90 9.89 -20.82
CA LEU B 217 -2.25 9.82 -22.12
C LEU B 217 -2.94 8.94 -23.12
#